data_8HEH
#
_entry.id   8HEH
#
_cell.length_a   66.646
_cell.length_b   68.373
_cell.length_c   76.012
_cell.angle_alpha   90.000
_cell.angle_beta   98.120
_cell.angle_gamma   90.000
#
_symmetry.space_group_name_H-M   'C 1 2 1'
#
loop_
_entity.id
_entity.type
_entity.pdbx_description
1 polymer 'GNAT family N-acetyltransferase'
2 non-polymer GLYCEROL
3 non-polymer 'COENZYME A'
4 water water
#
_entity_poly.entity_id   1
_entity_poly.type   'polypeptide(L)'
_entity_poly.pdbx_seq_one_letter_code
;MDHKVHHHHHHIEGRHMDSLITFEKLTAQHLPYLYEIRFSVEENLLHPHQIQYLQRRQALEDINQGGGWICKHGDDYAGV
GFGLFIPEPLIGGLFVKPEYQSKGIGSALLARVTAWMFERGAEAIHLTTDPGSKAEGFYQHHGWAVVGQDEFGQAELVKR
KEGE
;
_entity_poly.pdbx_strand_id   A,B
#
loop_
_chem_comp.id
_chem_comp.type
_chem_comp.name
_chem_comp.formula
COA non-polymer 'COENZYME A' 'C21 H36 N7 O16 P3 S'
GOL non-polymer GLYCEROL 'C3 H8 O3'
#
# COMPACT_ATOMS: atom_id res chain seq x y z
N LEU A 20 24.39 10.39 0.88
CA LEU A 20 24.00 11.26 -0.22
C LEU A 20 22.84 10.64 -1.00
N ILE A 21 22.33 11.38 -1.98
CA ILE A 21 21.21 10.96 -2.81
C ILE A 21 21.73 10.06 -3.93
N THR A 22 21.15 8.86 -4.04
CA THR A 22 21.48 7.93 -5.11
C THR A 22 20.21 7.56 -5.89
N PHE A 23 20.41 7.26 -7.17
CA PHE A 23 19.37 6.70 -8.03
C PHE A 23 19.84 5.34 -8.51
N GLU A 24 19.00 4.32 -8.37
CA GLU A 24 19.34 2.97 -8.79
C GLU A 24 18.11 2.32 -9.40
N LYS A 25 18.32 1.22 -10.12
CA LYS A 25 17.20 0.54 -10.76
C LYS A 25 16.24 0.01 -9.70
N LEU A 26 14.96 0.18 -9.98
CA LEU A 26 13.89 -0.36 -9.13
C LEU A 26 13.79 -1.86 -9.37
N THR A 27 13.88 -2.65 -8.30
CA THR A 27 13.78 -4.09 -8.40
C THR A 27 12.74 -4.61 -7.42
N ALA A 28 12.47 -5.91 -7.50
CA ALA A 28 11.42 -6.53 -6.70
C ALA A 28 11.60 -6.26 -5.21
N GLN A 29 12.85 -6.24 -4.74
CA GLN A 29 13.09 -6.05 -3.31
C GLN A 29 12.65 -4.66 -2.83
N HIS A 30 12.42 -3.72 -3.74
CA HIS A 30 11.99 -2.39 -3.37
C HIS A 30 10.50 -2.26 -3.20
N LEU A 31 9.74 -3.33 -3.47
CA LEU A 31 8.28 -3.29 -3.38
C LEU A 31 7.73 -2.58 -2.14
N PRO A 32 8.17 -2.89 -0.92
CA PRO A 32 7.60 -2.18 0.25
C PRO A 32 7.80 -0.67 0.19
N TYR A 33 8.92 -0.21 -0.34
CA TYR A 33 9.25 1.20 -0.36
C TYR A 33 8.54 1.93 -1.48
N LEU A 34 8.25 1.21 -2.57
CA LEU A 34 7.36 1.77 -3.58
C LEU A 34 6.03 2.15 -2.93
N TYR A 35 5.43 1.23 -2.18
CA TYR A 35 4.18 1.55 -1.48
C TYR A 35 4.38 2.72 -0.51
N GLU A 36 5.45 2.67 0.29
CA GLU A 36 5.68 3.72 1.28
C GLU A 36 5.71 5.09 0.63
N ILE A 37 6.48 5.24 -0.44
CA ILE A 37 6.56 6.53 -1.11
C ILE A 37 5.21 6.89 -1.73
N ARG A 38 4.56 5.93 -2.38
CA ARG A 38 3.30 6.24 -3.06
C ARG A 38 2.25 6.75 -2.09
N PHE A 39 2.18 6.17 -0.90
CA PHE A 39 1.17 6.57 0.06
C PHE A 39 1.59 7.77 0.91
N SER A 40 2.81 8.28 0.73
CA SER A 40 3.27 9.44 1.48
C SER A 40 2.77 10.74 0.87
N VAL A 41 2.38 10.75 -0.40
CA VAL A 41 2.05 12.00 -1.07
C VAL A 41 0.65 12.46 -0.66
N GLU A 42 0.42 13.76 -0.86
CA GLU A 42 -0.80 14.45 -0.45
C GLU A 42 -1.66 14.90 -1.61
N GLU A 43 -1.12 14.89 -2.82
CA GLU A 43 -1.87 15.08 -4.05
C GLU A 43 -1.67 13.83 -4.90
N ASN A 44 -2.56 13.63 -5.88
CA ASN A 44 -2.57 12.42 -6.66
C ASN A 44 -2.61 11.18 -5.79
N LEU A 45 -3.50 11.24 -4.81
CA LEU A 45 -3.84 10.09 -4.00
C LEU A 45 -4.38 8.97 -4.87
N LEU A 46 -4.25 7.75 -4.39
CA LEU A 46 -4.72 6.59 -5.12
C LEU A 46 -6.23 6.69 -5.37
N HIS A 47 -6.64 6.39 -6.60
CA HIS A 47 -8.05 6.39 -6.95
C HIS A 47 -8.58 4.97 -7.04
N PRO A 48 -9.90 4.79 -6.89
CA PRO A 48 -10.48 3.43 -6.95
C PRO A 48 -10.05 2.58 -8.12
N HIS A 49 -10.05 3.13 -9.35
CA HIS A 49 -9.70 2.32 -10.52
C HIS A 49 -8.23 1.92 -10.54
N GLN A 50 -7.41 2.48 -9.65
CA GLN A 50 -5.98 2.20 -9.63
C GLN A 50 -5.59 1.19 -8.56
N ILE A 51 -6.52 0.80 -7.68
CA ILE A 51 -6.19 -0.15 -6.60
C ILE A 51 -5.57 -1.41 -7.18
N GLN A 52 -6.14 -1.91 -8.28
CA GLN A 52 -5.74 -3.21 -8.80
C GLN A 52 -4.26 -3.27 -9.14
N TYR A 53 -3.66 -2.15 -9.53
CA TYR A 53 -2.27 -2.15 -9.96
C TYR A 53 -1.28 -2.25 -8.82
N LEU A 54 -1.74 -2.04 -7.58
CA LEU A 54 -0.87 -2.21 -6.42
C LEU A 54 -0.90 -3.62 -5.85
N GLN A 55 -1.84 -4.48 -6.25
CA GLN A 55 -1.79 -5.87 -5.80
C GLN A 55 -0.44 -6.46 -6.16
N ARG A 56 0.14 -7.24 -5.25
CA ARG A 56 1.55 -7.61 -5.35
C ARG A 56 1.92 -8.19 -6.71
N ARG A 57 1.09 -9.09 -7.25
CA ARG A 57 1.47 -9.73 -8.51
C ARG A 57 1.58 -8.70 -9.64
N GLN A 58 0.65 -7.75 -9.68
CA GLN A 58 0.70 -6.72 -10.72
C GLN A 58 1.81 -5.72 -10.47
N ALA A 59 2.02 -5.32 -9.22
CA ALA A 59 3.09 -4.39 -8.92
C ALA A 59 4.44 -4.99 -9.27
N LEU A 60 4.63 -6.28 -8.99
CA LEU A 60 5.89 -6.93 -9.34
C LEU A 60 6.06 -7.03 -10.85
N GLU A 61 4.97 -7.32 -11.58
CA GLU A 61 5.06 -7.32 -13.04
C GLU A 61 5.48 -5.95 -13.56
N ASP A 62 4.88 -4.88 -13.02
CA ASP A 62 5.29 -3.53 -13.41
C ASP A 62 6.77 -3.28 -13.14
N ILE A 63 7.23 -3.56 -11.91
CA ILE A 63 8.65 -3.40 -11.61
C ILE A 63 9.50 -4.20 -12.58
N ASN A 64 9.07 -5.42 -12.88
CA ASN A 64 9.90 -6.32 -13.67
C ASN A 64 9.92 -6.00 -15.17
N GLN A 65 9.14 -5.02 -15.63
CA GLN A 65 9.39 -4.48 -16.96
C GLN A 65 10.76 -3.82 -17.05
N GLY A 66 11.34 -3.43 -15.92
CA GLY A 66 12.67 -2.87 -15.89
C GLY A 66 12.77 -1.40 -16.18
N GLY A 67 11.65 -0.67 -16.17
CA GLY A 67 11.67 0.74 -16.50
C GLY A 67 11.61 1.67 -15.32
N GLY A 68 12.03 1.20 -14.15
CA GLY A 68 11.90 1.96 -12.92
C GLY A 68 13.22 2.30 -12.25
N TRP A 69 13.19 3.38 -11.49
CA TRP A 69 14.30 3.80 -10.64
C TRP A 69 13.75 4.19 -9.28
N ILE A 70 14.59 4.05 -8.27
CA ILE A 70 14.25 4.47 -6.93
C ILE A 70 15.39 5.32 -6.39
N CYS A 71 15.03 6.39 -5.68
CA CYS A 71 15.96 7.36 -5.15
C CYS A 71 16.03 7.21 -3.64
N LYS A 72 17.24 7.09 -3.11
CA LYS A 72 17.49 6.97 -1.68
C LYS A 72 18.25 8.19 -1.20
N HIS A 73 17.90 8.67 -0.02
CA HIS A 73 18.63 9.73 0.67
C HIS A 73 19.23 9.05 1.89
N GLY A 74 20.51 8.69 1.80
CA GLY A 74 21.08 7.84 2.83
C GLY A 74 20.38 6.48 2.80
N ASP A 75 19.84 6.07 3.94
CA ASP A 75 19.07 4.84 4.01
C ASP A 75 17.56 5.08 3.94
N ASP A 76 17.14 6.31 3.64
CA ASP A 76 15.72 6.64 3.55
C ASP A 76 15.32 6.66 2.07
N TYR A 77 14.28 5.91 1.73
CA TYR A 77 13.75 5.93 0.38
C TYR A 77 12.99 7.24 0.16
N ALA A 78 13.32 7.94 -0.92
CA ALA A 78 12.84 9.30 -1.15
C ALA A 78 11.87 9.43 -2.31
N GLY A 79 12.07 8.71 -3.39
CA GLY A 79 11.24 8.87 -4.57
C GLY A 79 11.31 7.64 -5.45
N VAL A 80 10.29 7.47 -6.28
CA VAL A 80 10.22 6.32 -7.17
C VAL A 80 9.55 6.75 -8.47
N GLY A 81 10.07 6.24 -9.58
CA GLY A 81 9.46 6.50 -10.88
C GLY A 81 9.60 5.29 -11.77
N PHE A 82 8.56 4.97 -12.51
CA PHE A 82 8.64 3.80 -13.41
C PHE A 82 7.79 3.96 -14.66
N GLY A 83 8.33 3.44 -15.74
CA GLY A 83 7.59 3.43 -17.01
C GLY A 83 7.18 2.03 -17.38
N LEU A 84 6.19 1.94 -18.24
CA LEU A 84 5.70 0.62 -18.67
C LEU A 84 5.36 0.58 -20.14
N PHE A 85 5.37 -0.62 -20.72
CA PHE A 85 4.81 -0.88 -22.08
C PHE A 85 3.71 -1.92 -21.84
N ILE A 86 2.42 -1.59 -21.96
CA ILE A 86 1.28 -2.52 -21.65
C ILE A 86 0.40 -2.72 -22.90
N GLU A 88 0.97 -0.30 -24.41
CA GLU A 88 0.97 1.19 -24.38
C GLU A 88 2.11 1.80 -23.55
N PRO A 89 2.96 2.73 -24.09
CA PRO A 89 3.96 3.40 -23.28
C PRO A 89 3.33 4.37 -22.28
N LEU A 90 3.64 4.13 -21.01
CA LEU A 90 3.00 4.92 -19.94
C LEU A 90 3.98 5.21 -18.83
N ILE A 91 3.78 6.34 -18.16
CA ILE A 91 4.49 6.55 -16.88
C ILE A 91 3.58 5.84 -15.88
N GLY A 92 4.04 4.74 -15.32
CA GLY A 92 3.24 3.97 -14.39
C GLY A 92 3.14 4.62 -13.02
N GLY A 93 4.16 5.34 -12.60
CA GLY A 93 4.12 6.02 -11.33
C GLY A 93 5.29 6.98 -11.21
N LEU A 94 5.06 8.10 -10.54
CA LEU A 94 6.12 9.05 -10.23
C LEU A 94 5.72 9.72 -8.92
N PHE A 95 6.46 9.43 -7.86
CA PHE A 95 6.10 9.91 -6.53
C PHE A 95 7.36 10.23 -5.73
N VAL A 96 7.32 11.36 -5.03
CA VAL A 96 8.41 11.80 -4.17
C VAL A 96 7.79 12.15 -2.82
N LYS A 97 8.38 11.65 -1.74
CA LYS A 97 7.86 11.96 -0.41
C LYS A 97 7.84 13.48 -0.21
N PRO A 98 6.80 14.01 0.46
CA PRO A 98 6.73 15.47 0.66
C PRO A 98 8.00 16.09 1.17
N GLU A 99 8.66 15.47 2.16
CA GLU A 99 9.88 16.02 2.75
C GLU A 99 11.06 16.04 1.78
N TYR A 100 10.96 15.36 0.63
CA TYR A 100 12.03 15.35 -0.35
C TYR A 100 11.66 16.05 -1.65
N GLN A 101 10.46 16.64 -1.74
CA GLN A 101 10.04 17.30 -2.96
C GLN A 101 10.78 18.62 -3.17
N SER A 102 10.72 19.12 -4.40
CA SER A 102 11.35 20.38 -4.79
C SER A 102 12.87 20.36 -4.60
N LYS A 103 13.48 19.19 -4.80
CA LYS A 103 14.93 19.05 -4.74
C LYS A 103 15.50 18.43 -6.02
N GLY A 104 14.68 18.32 -7.06
CA GLY A 104 15.12 17.77 -8.33
C GLY A 104 14.95 16.28 -8.49
N ILE A 105 14.43 15.59 -7.46
CA ILE A 105 14.34 14.14 -7.52
C ILE A 105 13.31 13.70 -8.56
N GLY A 106 12.14 14.34 -8.56
CA GLY A 106 11.13 13.98 -9.54
C GLY A 106 11.59 14.20 -10.97
N SER A 107 12.27 15.32 -11.21
CA SER A 107 12.79 15.59 -12.55
C SER A 107 13.83 14.54 -12.95
N ALA A 108 14.68 14.14 -12.01
CA ALA A 108 15.71 13.14 -12.32
C ALA A 108 15.10 11.79 -12.63
N LEU A 109 14.09 11.38 -11.87
CA LEU A 109 13.41 10.12 -12.15
C LEU A 109 12.67 10.20 -13.48
N LEU A 110 11.96 11.30 -13.72
CA LEU A 110 11.19 11.44 -14.95
C LEU A 110 12.10 11.40 -16.17
N ALA A 111 13.26 12.04 -16.07
CA ALA A 111 14.20 12.05 -17.19
C ALA A 111 14.71 10.64 -17.49
N ARG A 112 15.05 9.88 -16.45
CA ARG A 112 15.50 8.51 -16.65
C ARG A 112 14.42 7.65 -17.30
N VAL A 113 13.19 7.74 -16.79
CA VAL A 113 12.11 6.93 -17.33
C VAL A 113 11.79 7.33 -18.76
N THR A 114 11.79 8.63 -19.03
CA THR A 114 11.48 9.11 -20.38
C THR A 114 12.51 8.62 -21.38
N ALA A 115 13.79 8.69 -21.02
CA ALA A 115 14.84 8.20 -21.92
C ALA A 115 14.71 6.70 -22.13
N TRP A 116 14.40 5.96 -21.06
CA TRP A 116 14.22 4.53 -21.17
C TRP A 116 13.11 4.18 -22.14
N MET A 117 11.99 4.92 -22.08
CA MET A 117 10.86 4.63 -22.96
C MET A 117 11.23 4.86 -24.42
N PHE A 118 11.91 5.98 -24.70
CA PHE A 118 12.25 6.29 -26.08
C PHE A 118 13.32 5.35 -26.62
N GLU A 119 14.20 4.85 -25.74
CA GLU A 119 15.21 3.90 -26.21
C GLU A 119 14.60 2.53 -26.48
N ARG A 120 13.50 2.21 -25.81
CA ARG A 120 12.75 0.99 -26.09
C ARG A 120 11.93 1.09 -27.37
N GLY A 121 11.85 2.27 -27.98
CA GLY A 121 11.16 2.44 -29.25
C GLY A 121 9.84 3.18 -29.22
N ALA A 122 9.43 3.73 -28.07
CA ALA A 122 8.17 4.44 -28.00
C ALA A 122 8.22 5.70 -28.86
N GLU A 123 7.13 5.96 -29.59
CA GLU A 123 6.95 7.18 -30.35
C GLU A 123 6.31 8.27 -29.51
N ALA A 124 5.49 7.88 -28.55
CA ALA A 124 4.84 8.82 -27.64
C ALA A 124 4.65 8.10 -26.31
N ILE A 125 4.67 8.88 -25.23
CA ILE A 125 4.42 8.36 -23.89
C ILE A 125 3.18 9.05 -23.34
N HIS A 126 2.37 8.30 -22.60
CA HIS A 126 1.16 8.82 -22.01
C HIS A 126 1.25 8.76 -20.49
N LEU A 127 0.50 9.64 -19.84
CA LEU A 127 0.31 9.54 -18.40
C LEU A 127 -1.02 10.18 -18.06
N THR A 128 -1.53 9.88 -16.87
CA THR A 128 -2.69 10.56 -16.31
C THR A 128 -2.35 11.14 -14.96
N THR A 129 -3.04 12.24 -14.60
CA THR A 129 -2.79 12.92 -13.34
C THR A 129 -4.04 13.72 -12.99
N ASP A 130 -4.15 14.08 -11.72
CA ASP A 130 -5.30 14.86 -11.26
C ASP A 130 -5.29 16.21 -11.98
N PRO A 131 -6.39 16.61 -12.61
CA PRO A 131 -6.40 17.89 -13.34
C PRO A 131 -6.16 19.04 -12.37
N GLY A 132 -5.28 19.96 -12.78
CA GLY A 132 -4.94 21.08 -11.94
C GLY A 132 -4.05 20.77 -10.75
N SER A 133 -3.59 19.52 -10.59
CA SER A 133 -2.65 19.24 -9.54
C SER A 133 -1.31 19.91 -9.85
N LYS A 134 -0.48 20.05 -8.82
CA LYS A 134 0.87 20.57 -9.03
C LYS A 134 1.63 19.72 -10.04
N ALA A 135 1.41 18.40 -10.01
CA ALA A 135 2.09 17.53 -10.95
C ALA A 135 1.76 17.89 -12.39
N GLU A 136 0.54 18.33 -12.66
CA GLU A 136 0.17 18.65 -14.03
C GLU A 136 1.07 19.75 -14.60
N GLY A 137 1.29 20.82 -13.83
CA GLY A 137 2.19 21.86 -14.27
C GLY A 137 3.63 21.42 -14.34
N PHE A 138 4.04 20.52 -13.44
CA PHE A 138 5.39 19.95 -13.46
C PHE A 138 5.63 19.20 -14.76
N TYR A 139 4.67 18.38 -15.19
CA TYR A 139 4.81 17.66 -16.45
C TYR A 139 4.81 18.62 -17.64
N GLN A 140 3.95 19.64 -17.61
CA GLN A 140 3.93 20.61 -18.70
C GLN A 140 5.26 21.34 -18.80
N HIS A 141 5.88 21.64 -17.66
CA HIS A 141 7.19 22.26 -17.63
C HIS A 141 8.25 21.36 -18.27
N HIS A 142 8.04 20.04 -18.26
CA HIS A 142 8.96 19.10 -18.86
C HIS A 142 8.51 18.63 -20.25
N GLY A 143 7.65 19.39 -20.92
CA GLY A 143 7.33 19.13 -22.31
C GLY A 143 6.16 18.20 -22.55
N TRP A 144 5.35 17.92 -21.56
CA TRP A 144 4.15 17.12 -21.74
C TRP A 144 2.98 18.05 -22.03
N ALA A 145 2.04 17.57 -22.85
CA ALA A 145 0.86 18.35 -23.21
C ALA A 145 -0.40 17.65 -22.76
N VAL A 146 -1.32 18.41 -22.18
CA VAL A 146 -2.64 17.88 -21.86
C VAL A 146 -3.42 17.72 -23.15
N VAL A 147 -3.95 16.52 -23.38
CA VAL A 147 -4.69 16.20 -24.60
C VAL A 147 -6.13 15.82 -24.33
N GLY A 148 -6.56 15.80 -23.07
CA GLY A 148 -7.95 15.51 -22.77
C GLY A 148 -8.08 14.97 -21.36
N GLN A 149 -9.19 14.28 -21.14
CA GLN A 149 -9.53 13.67 -19.87
C GLN A 149 -9.97 12.24 -20.12
N ASP A 150 -9.64 11.34 -19.19
CA ASP A 150 -10.07 9.95 -19.35
C ASP A 150 -11.45 9.75 -18.73
N GLU A 151 -11.97 8.53 -18.83
CA GLU A 151 -13.30 8.25 -18.29
C GLU A 151 -13.37 8.43 -16.78
N PHE A 152 -12.24 8.36 -16.09
CA PHE A 152 -12.23 8.59 -14.66
C PHE A 152 -12.06 10.05 -14.28
N GLY A 153 -11.95 10.94 -15.27
CA GLY A 153 -11.79 12.35 -15.00
C GLY A 153 -10.36 12.79 -14.78
N GLN A 154 -9.38 11.92 -15.02
CA GLN A 154 -7.98 12.32 -14.90
C GLN A 154 -7.53 13.01 -16.17
N ALA A 155 -6.66 14.00 -16.01
CA ALA A 155 -6.06 14.65 -17.18
C ALA A 155 -5.11 13.69 -17.87
N GLU A 156 -5.21 13.59 -19.19
CA GLU A 156 -4.32 12.77 -20.00
C GLU A 156 -3.25 13.67 -20.62
N LEU A 157 -1.99 13.29 -20.43
CA LEU A 157 -0.87 14.05 -20.97
C LEU A 157 -0.04 13.16 -21.88
N VAL A 158 0.55 13.77 -22.90
CA VAL A 158 1.36 13.03 -23.87
C VAL A 158 2.68 13.76 -24.08
N LYS A 159 3.75 13.00 -24.30
CA LYS A 159 5.01 13.52 -24.77
C LYS A 159 5.46 12.68 -25.95
N ARG A 160 5.82 13.34 -27.06
CA ARG A 160 6.23 12.64 -28.25
C ARG A 160 7.75 12.67 -28.41
N LYS A 161 8.26 11.65 -29.12
CA LYS A 161 9.69 11.54 -29.42
C LYS A 161 10.10 12.64 -30.39
N ARG B 15 6.05 -23.36 21.49
CA ARG B 15 6.17 -24.71 20.95
C ARG B 15 5.18 -24.96 19.81
N HIS B 16 4.03 -24.28 19.87
CA HIS B 16 3.01 -24.44 18.84
C HIS B 16 3.43 -23.89 17.49
N MET B 17 4.43 -23.02 17.45
CA MET B 17 4.81 -22.36 16.21
C MET B 17 6.30 -22.44 15.98
N ASP B 18 6.67 -22.58 14.70
CA ASP B 18 8.07 -22.65 14.30
C ASP B 18 8.87 -21.51 14.91
N SER B 19 10.03 -21.85 15.50
CA SER B 19 10.91 -20.83 16.08
C SER B 19 11.38 -19.80 15.05
N LEU B 20 11.26 -20.09 13.76
CA LEU B 20 11.63 -19.12 12.73
C LEU B 20 10.69 -17.92 12.70
N ILE B 21 9.52 -18.05 13.30
CA ILE B 21 8.47 -17.03 13.24
C ILE B 21 8.56 -16.19 14.50
N THR B 22 8.88 -14.91 14.35
CA THR B 22 9.02 -14.00 15.48
C THR B 22 8.03 -12.85 15.34
N PHE B 23 7.83 -12.14 16.45
CA PHE B 23 6.82 -11.09 16.55
C PHE B 23 7.45 -9.84 17.13
N GLU B 24 7.08 -8.69 16.56
CA GLU B 24 7.57 -7.38 16.98
C GLU B 24 6.37 -6.48 17.19
N LYS B 25 6.45 -5.61 18.20
CA LYS B 25 5.44 -4.57 18.32
C LYS B 25 5.46 -3.69 17.07
N LEU B 26 4.28 -3.38 16.54
CA LEU B 26 4.19 -2.60 15.32
C LEU B 26 4.49 -1.13 15.60
N THR B 27 5.47 -0.56 14.90
CA THR B 27 5.87 0.82 15.07
C THR B 27 5.89 1.52 13.71
N ALA B 28 6.15 2.82 13.75
CA ALA B 28 6.19 3.62 12.52
C ALA B 28 7.20 3.07 11.52
N GLN B 29 8.29 2.48 12.00
CA GLN B 29 9.32 2.00 11.09
C GLN B 29 8.86 0.80 10.28
N HIS B 30 7.78 0.14 10.69
CA HIS B 30 7.25 -1.01 9.96
C HIS B 30 6.32 -0.61 8.83
N LEU B 31 6.03 0.68 8.66
CA LEU B 31 5.04 1.12 7.67
C LEU B 31 5.22 0.49 6.29
N PRO B 32 6.42 0.48 5.69
CA PRO B 32 6.53 -0.14 4.35
C PRO B 32 6.08 -1.58 4.31
N TYR B 33 6.32 -2.33 5.40
CA TYR B 33 6.02 -3.75 5.42
C TYR B 33 4.56 -4.00 5.69
N LEU B 34 3.91 -3.09 6.43
CA LEU B 34 2.46 -3.12 6.53
C LEU B 34 1.84 -3.07 5.13
N TYR B 35 2.30 -2.13 4.29
CA TYR B 35 1.75 -2.06 2.94
C TYR B 35 2.07 -3.33 2.16
N GLU B 36 3.32 -3.78 2.23
CA GLU B 36 3.72 -4.97 1.47
C GLU B 36 2.83 -6.16 1.81
N ILE B 37 2.62 -6.42 3.10
CA ILE B 37 1.76 -7.53 3.49
C ILE B 37 0.32 -7.29 3.03
N ARG B 38 -0.20 -6.09 3.22
CA ARG B 38 -1.61 -5.80 2.88
C ARG B 38 -1.89 -6.02 1.39
N PHE B 39 -0.94 -5.65 0.54
CA PHE B 39 -1.16 -5.82 -0.89
C PHE B 39 -0.77 -7.18 -1.42
N SER B 40 -0.27 -8.07 -0.56
CA SER B 40 0.05 -9.42 -0.99
C SER B 40 -1.16 -10.34 -0.98
N VAL B 41 -2.21 -10.00 -0.26
CA VAL B 41 -3.32 -10.93 -0.10
C VAL B 41 -4.17 -10.96 -1.38
N GLU B 42 -4.92 -12.05 -1.54
CA GLU B 42 -5.75 -12.28 -2.71
C GLU B 42 -7.23 -12.28 -2.42
N GLU B 43 -7.61 -12.22 -1.15
CA GLU B 43 -8.97 -11.98 -0.71
C GLU B 43 -8.94 -10.78 0.24
N ASN B 44 -10.10 -10.16 0.43
CA ASN B 44 -10.18 -8.92 1.19
C ASN B 44 -9.19 -7.89 0.65
N LEU B 45 -9.20 -7.76 -0.68
CA LEU B 45 -8.47 -6.71 -1.36
C LEU B 45 -8.96 -5.34 -0.89
N LEU B 46 -8.10 -4.34 -1.02
CA LEU B 46 -8.46 -2.98 -0.63
C LEU B 46 -9.70 -2.50 -1.39
N HIS B 47 -10.64 -1.92 -0.66
CA HIS B 47 -11.82 -1.35 -1.30
C HIS B 47 -11.69 0.16 -1.40
N PRO B 48 -12.46 0.79 -2.31
CA PRO B 48 -12.35 2.26 -2.45
C PRO B 48 -12.51 3.03 -1.16
N HIS B 49 -13.46 2.66 -0.31
CA HIS B 49 -13.67 3.42 0.92
C HIS B 49 -12.55 3.25 1.94
N GLN B 50 -11.59 2.36 1.68
CA GLN B 50 -10.50 2.10 2.61
C GLN B 50 -9.19 2.74 2.18
N ILE B 51 -9.14 3.31 0.97
CA ILE B 51 -7.91 3.95 0.48
C ILE B 51 -7.40 4.98 1.47
N GLN B 52 -8.31 5.80 2.03
CA GLN B 52 -7.89 6.91 2.86
C GLN B 52 -7.09 6.46 4.07
N TYR B 53 -7.32 5.24 4.57
CA TYR B 53 -6.65 4.83 5.78
C TYR B 53 -5.21 4.42 5.53
N LEU B 54 -4.83 4.24 4.27
CA LEU B 54 -3.45 3.94 3.94
C LEU B 54 -2.59 5.17 3.70
N GLN B 55 -3.19 6.35 3.54
CA GLN B 55 -2.35 7.54 3.41
C GLN B 55 -1.44 7.63 4.62
N ARG B 56 -0.18 8.00 4.40
CA ARG B 56 0.86 7.86 5.42
C ARG B 56 0.44 8.44 6.78
N ARG B 57 -0.12 9.66 6.79
CA ARG B 57 -0.43 10.26 8.08
C ARG B 57 -1.49 9.46 8.82
N GLN B 58 -2.47 8.91 8.10
CA GLN B 58 -3.52 8.13 8.74
C GLN B 58 -3.01 6.76 9.17
N ALA B 59 -2.20 6.12 8.33
CA ALA B 59 -1.64 4.82 8.69
C ALA B 59 -0.75 4.94 9.93
N LEU B 60 0.06 6.00 10.00
CA LEU B 60 0.89 6.19 11.19
C LEU B 60 0.05 6.50 12.42
N GLU B 61 -1.03 7.26 12.26
CA GLU B 61 -1.91 7.51 13.40
C GLU B 61 -2.53 6.21 13.90
N ASP B 62 -2.93 5.33 12.98
CA ASP B 62 -3.44 4.02 13.37
C ASP B 62 -2.40 3.23 14.15
N ILE B 63 -1.19 3.16 13.62
CA ILE B 63 -0.12 2.43 14.32
C ILE B 63 0.10 3.02 15.70
N ASN B 64 0.04 4.35 15.80
CA ASN B 64 0.37 5.07 17.02
C ASN B 64 -0.69 4.90 18.10
N GLN B 65 -1.87 4.34 17.80
CA GLN B 65 -2.77 3.95 18.87
C GLN B 65 -2.19 2.80 19.70
N GLY B 66 -1.16 2.13 19.20
CA GLY B 66 -0.39 1.20 20.00
C GLY B 66 -0.94 -0.21 20.05
N GLY B 67 -1.83 -0.58 19.13
CA GLY B 67 -2.50 -1.86 19.19
C GLY B 67 -2.06 -2.87 18.17
N GLY B 68 -0.84 -2.75 17.65
CA GLY B 68 -0.41 -3.57 16.53
C GLY B 68 0.81 -4.44 16.81
N TRP B 69 0.87 -5.55 16.09
CA TRP B 69 2.05 -6.39 16.05
C TRP B 69 2.31 -6.80 14.61
N ILE B 70 3.57 -7.12 14.33
CA ILE B 70 3.98 -7.59 13.02
C ILE B 70 4.84 -8.84 13.20
N CYS B 71 4.69 -9.75 12.25
CA CYS B 71 5.30 -11.07 12.29
C CYS B 71 6.31 -11.20 11.16
N LYS B 72 7.47 -11.79 11.46
CA LYS B 72 8.47 -12.15 10.47
C LYS B 72 8.61 -13.66 10.44
N HIS B 73 8.74 -14.20 9.23
CA HIS B 73 9.09 -15.61 9.02
C HIS B 73 10.54 -15.59 8.57
N GLY B 74 11.44 -15.98 9.48
CA GLY B 74 12.86 -15.77 9.20
C GLY B 74 13.12 -14.28 9.11
N ASP B 75 13.70 -13.83 8.00
CA ASP B 75 13.97 -12.41 7.79
C ASP B 75 12.90 -11.72 6.95
N ASP B 76 11.82 -12.41 6.60
CA ASP B 76 10.81 -11.93 5.68
C ASP B 76 9.55 -11.54 6.46
N TYR B 77 9.11 -10.30 6.31
CA TYR B 77 7.87 -9.88 6.96
C TYR B 77 6.71 -10.70 6.41
N ALA B 78 5.88 -11.21 7.30
CA ALA B 78 4.91 -12.24 6.95
C ALA B 78 3.47 -11.87 7.26
N GLY B 79 3.22 -11.18 8.38
CA GLY B 79 1.85 -10.89 8.77
C GLY B 79 1.80 -9.68 9.67
N VAL B 80 0.65 -9.03 9.66
CA VAL B 80 0.46 -7.83 10.46
C VAL B 80 -0.98 -7.78 10.98
N GLY B 81 -1.15 -7.32 12.22
CA GLY B 81 -2.48 -7.13 12.75
C GLY B 81 -2.51 -5.97 13.72
N PHE B 82 -3.57 -5.19 13.73
CA PHE B 82 -3.62 -4.06 14.66
C PHE B 82 -5.05 -3.74 15.04
N GLY B 83 -5.21 -3.36 16.30
CA GLY B 83 -6.47 -2.87 16.82
C GLY B 83 -6.47 -1.35 16.96
N LEU B 84 -7.69 -0.79 17.02
CA LEU B 84 -7.89 0.63 17.23
C LEU B 84 -8.91 0.78 18.35
N PHE B 85 -8.82 1.87 19.09
CA PHE B 85 -9.82 2.21 20.09
C PHE B 85 -10.60 3.45 19.67
N ILE B 86 -10.04 4.22 18.76
CA ILE B 86 -10.69 5.41 18.24
C ILE B 86 -10.85 5.22 16.71
N PRO B 87 -12.09 5.35 16.22
CA PRO B 87 -13.31 5.88 16.84
C PRO B 87 -14.03 4.97 17.83
N GLU B 88 -13.78 3.67 17.72
CA GLU B 88 -14.36 2.71 18.61
C GLU B 88 -13.43 1.49 18.57
N PRO B 89 -13.64 0.54 19.46
CA PRO B 89 -12.83 -0.68 19.42
C PRO B 89 -13.02 -1.50 18.17
N LEU B 90 -11.96 -1.58 17.38
CA LEU B 90 -12.04 -2.25 16.09
C LEU B 90 -10.77 -3.06 15.83
N ILE B 91 -10.92 -4.04 14.96
CA ILE B 91 -9.71 -4.66 14.36
C ILE B 91 -9.48 -3.81 13.11
N GLY B 92 -8.40 -3.03 13.10
CA GLY B 92 -8.10 -2.17 11.96
C GLY B 92 -7.53 -2.91 10.76
N GLY B 93 -6.84 -4.00 10.99
CA GLY B 93 -6.28 -4.75 9.88
C GLY B 93 -5.73 -6.07 10.38
N LEU B 94 -5.85 -7.10 9.54
CA LEU B 94 -5.22 -8.40 9.82
C LEU B 94 -4.93 -9.05 8.47
N PHE B 95 -3.66 -9.25 8.16
CA PHE B 95 -3.23 -9.72 6.85
C PHE B 95 -1.99 -10.57 7.00
N VAL B 96 -1.95 -11.67 6.26
CA VAL B 96 -0.81 -12.59 6.23
C VAL B 96 -0.51 -12.90 4.77
N LYS B 97 0.75 -12.82 4.38
CA LYS B 97 1.11 -13.12 3.00
C LYS B 97 0.65 -14.54 2.64
N PRO B 98 0.18 -14.76 1.41
CA PRO B 98 -0.28 -16.11 1.03
C PRO B 98 0.70 -17.23 1.34
N GLU B 99 1.99 -17.02 1.08
CA GLU B 99 2.99 -18.05 1.29
C GLU B 99 3.22 -18.36 2.77
N TYR B 100 2.71 -17.53 3.68
CA TYR B 100 2.87 -17.76 5.11
C TYR B 100 1.56 -18.03 5.83
N GLN B 101 0.46 -18.20 5.08
CA GLN B 101 -0.81 -18.55 5.72
C GLN B 101 -0.80 -20.01 6.17
N SER B 102 -1.74 -20.34 7.04
CA SER B 102 -1.90 -21.69 7.58
C SER B 102 -0.71 -22.15 8.42
N LYS B 103 -0.02 -21.21 9.06
CA LYS B 103 1.10 -21.50 9.95
C LYS B 103 0.86 -20.96 11.36
N GLY B 104 -0.35 -20.48 11.64
CA GLY B 104 -0.68 -19.95 12.94
C GLY B 104 -0.49 -18.46 13.11
N ILE B 105 -0.03 -17.76 12.07
CA ILE B 105 0.34 -16.36 12.22
C ILE B 105 -0.89 -15.49 12.43
N GLY B 106 -1.92 -15.67 11.59
CA GLY B 106 -3.12 -14.84 11.71
C GLY B 106 -3.82 -15.04 13.04
N SER B 107 -3.93 -16.29 13.48
CA SER B 107 -4.51 -16.56 14.80
C SER B 107 -3.69 -15.92 15.89
N ALA B 108 -2.36 -16.01 15.79
CA ALA B 108 -1.50 -15.44 16.82
C ALA B 108 -1.65 -13.92 16.89
N LEU B 109 -1.71 -13.26 15.73
CA LEU B 109 -1.86 -11.81 15.70
C LEU B 109 -3.24 -11.41 16.20
N LEU B 110 -4.28 -12.13 15.76
CA LEU B 110 -5.63 -11.83 16.23
C LEU B 110 -5.72 -12.00 17.74
N ALA B 111 -5.13 -13.07 18.28
CA ALA B 111 -5.19 -13.30 19.71
C ALA B 111 -4.43 -12.20 20.47
N ARG B 112 -3.28 -11.81 19.95
CA ARG B 112 -2.49 -10.77 20.61
C ARG B 112 -3.25 -9.44 20.64
N VAL B 113 -3.83 -9.05 19.50
CA VAL B 113 -4.60 -7.81 19.44
C VAL B 113 -5.84 -7.88 20.32
N THR B 114 -6.57 -9.00 20.26
CA THR B 114 -7.80 -9.14 21.03
C THR B 114 -7.51 -9.03 22.52
N ALA B 115 -6.46 -9.70 22.99
CA ALA B 115 -6.14 -9.65 24.41
C ALA B 115 -5.74 -8.24 24.83
N TRP B 116 -5.00 -7.51 24.01
CA TRP B 116 -4.62 -6.16 24.33
C TRP B 116 -5.83 -5.25 24.48
N MET B 117 -6.76 -5.40 23.56
CA MET B 117 -7.98 -4.60 23.60
C MET B 117 -8.85 -4.82 24.82
N PHE B 118 -9.04 -6.07 25.16
CA PHE B 118 -9.82 -6.40 26.36
C PHE B 118 -9.07 -5.99 27.64
N GLU B 119 -7.76 -6.16 27.67
CA GLU B 119 -6.99 -5.71 28.83
C GLU B 119 -7.10 -4.21 29.04
N ARG B 120 -7.26 -3.48 27.94
CA ARG B 120 -7.37 -2.04 28.00
C ARG B 120 -8.78 -1.52 28.06
N GLY B 121 -9.75 -2.35 28.36
CA GLY B 121 -11.09 -1.89 28.57
C GLY B 121 -12.23 -2.06 27.60
N ALA B 122 -11.93 -2.62 26.44
CA ALA B 122 -12.98 -2.83 25.50
C ALA B 122 -14.06 -3.77 26.02
N GLU B 123 -15.29 -3.36 25.85
CA GLU B 123 -16.39 -4.26 26.20
C GLU B 123 -16.79 -5.12 25.02
N ALA B 124 -16.57 -4.62 23.82
CA ALA B 124 -16.81 -5.37 22.59
C ALA B 124 -15.88 -4.80 21.54
N ILE B 125 -15.54 -5.64 20.57
CA ILE B 125 -14.72 -5.25 19.43
C ILE B 125 -15.49 -5.57 18.17
N HIS B 126 -15.39 -4.71 17.16
CA HIS B 126 -16.02 -4.97 15.87
C HIS B 126 -14.98 -5.00 14.76
N LEU B 127 -15.38 -5.60 13.63
CA LEU B 127 -14.57 -5.59 12.43
C LEU B 127 -15.51 -5.74 11.24
N THR B 128 -14.99 -5.45 10.05
CA THR B 128 -15.71 -5.74 8.82
C THR B 128 -14.81 -6.55 7.89
N THR B 129 -15.45 -7.41 7.09
CA THR B 129 -14.74 -8.27 6.17
C THR B 129 -15.65 -8.60 5.00
N ASP B 130 -15.05 -9.08 3.92
CA ASP B 130 -15.85 -9.44 2.75
C ASP B 130 -16.79 -10.59 3.14
N PRO B 131 -18.09 -10.47 2.88
CA PRO B 131 -19.00 -11.57 3.24
C PRO B 131 -18.67 -12.82 2.46
N GLY B 132 -18.63 -13.95 3.17
CA GLY B 132 -18.29 -15.22 2.56
C GLY B 132 -16.81 -15.46 2.37
N SER B 133 -15.96 -14.50 2.69
CA SER B 133 -14.53 -14.70 2.53
C SER B 133 -14.04 -15.74 3.53
N LYS B 134 -12.87 -16.32 3.23
CA LYS B 134 -12.25 -17.26 4.17
C LYS B 134 -12.09 -16.61 5.54
N ALA B 135 -11.73 -15.33 5.56
CA ALA B 135 -11.53 -14.61 6.82
C ALA B 135 -12.79 -14.63 7.68
N GLU B 136 -13.96 -14.48 7.06
CA GLU B 136 -15.21 -14.49 7.82
C GLU B 136 -15.32 -15.76 8.65
N GLY B 137 -15.09 -16.92 8.04
CA GLY B 137 -15.15 -18.16 8.79
C GLY B 137 -14.04 -18.31 9.80
N PHE B 138 -12.84 -17.80 9.47
CA PHE B 138 -11.73 -17.77 10.41
C PHE B 138 -12.10 -16.99 11.67
N TYR B 139 -12.71 -15.82 11.50
CA TYR B 139 -13.13 -15.05 12.67
C TYR B 139 -14.20 -15.80 13.46
N GLN B 140 -15.17 -16.41 12.77
CA GLN B 140 -16.20 -17.14 13.48
C GLN B 140 -15.60 -18.31 14.26
N HIS B 141 -14.59 -18.96 13.69
CA HIS B 141 -13.87 -20.03 14.39
C HIS B 141 -13.23 -19.53 15.68
N HIS B 142 -12.83 -18.26 15.72
CA HIS B 142 -12.21 -17.65 16.89
C HIS B 142 -13.21 -16.88 17.74
N GLY B 143 -14.50 -17.16 17.60
CA GLY B 143 -15.49 -16.63 18.52
C GLY B 143 -16.15 -15.34 18.12
N TRP B 144 -15.99 -14.88 16.88
CA TRP B 144 -16.63 -13.69 16.38
C TRP B 144 -17.99 -14.07 15.78
N ALA B 145 -18.94 -13.16 15.87
CA ALA B 145 -20.31 -13.38 15.40
C ALA B 145 -20.68 -12.32 14.38
N VAL B 146 -21.28 -12.76 13.26
CA VAL B 146 -21.78 -11.82 12.27
C VAL B 146 -23.04 -11.16 12.81
N VAL B 147 -23.05 -9.83 12.83
CA VAL B 147 -24.20 -9.08 13.33
C VAL B 147 -24.98 -8.36 12.24
N GLY B 148 -24.49 -8.34 11.02
CA GLY B 148 -25.17 -7.67 9.93
C GLY B 148 -24.16 -7.21 8.90
N GLN B 149 -24.56 -6.22 8.13
CA GLN B 149 -23.71 -5.65 7.08
C GLN B 149 -23.57 -4.14 7.30
N ASP B 150 -22.43 -3.60 6.87
CA ASP B 150 -22.20 -2.17 6.98
C ASP B 150 -22.73 -1.45 5.74
N GLU B 151 -22.44 -0.16 5.62
CA GLU B 151 -22.97 0.69 4.54
C GLU B 151 -22.42 0.33 3.17
N PHE B 152 -21.39 -0.52 3.10
CA PHE B 152 -20.81 -0.95 1.84
C PHE B 152 -21.14 -2.39 1.51
N GLY B 153 -21.89 -3.08 2.36
CA GLY B 153 -22.17 -4.49 2.16
C GLY B 153 -21.13 -5.42 2.74
N GLN B 154 -20.16 -4.91 3.49
CA GLN B 154 -19.24 -5.78 4.18
C GLN B 154 -19.92 -6.42 5.38
N ALA B 155 -19.53 -7.64 5.70
CA ALA B 155 -20.06 -8.27 6.90
C ALA B 155 -19.46 -7.61 8.12
N GLU B 156 -20.30 -7.31 9.10
CA GLU B 156 -19.89 -6.73 10.38
C GLU B 156 -19.89 -7.83 11.42
N LEU B 157 -18.78 -7.99 12.13
CA LEU B 157 -18.65 -9.03 13.14
C LEU B 157 -18.31 -8.40 14.47
N VAL B 158 -18.68 -9.09 15.56
CA VAL B 158 -18.45 -8.60 16.90
C VAL B 158 -17.85 -9.70 17.75
N LYS B 159 -17.01 -9.31 18.70
CA LYS B 159 -16.57 -10.19 19.77
C LYS B 159 -16.73 -9.45 21.08
N ARG B 160 -17.38 -10.07 22.05
CA ARG B 160 -17.67 -9.39 23.31
C ARG B 160 -16.79 -9.90 24.44
N LYS B 161 -16.54 -9.02 25.41
CA LYS B 161 -15.77 -9.37 26.59
C LYS B 161 -16.48 -10.44 27.41
C1 GOL C . -0.05 -0.46 -13.74
O1 GOL C . 0.46 0.71 -14.15
C2 GOL C . -0.63 -1.24 -14.92
O2 GOL C . 0.21 -2.20 -15.38
C3 GOL C . -1.07 -0.20 -15.97
O3 GOL C . -1.59 0.89 -15.29
N1A COA D . 5.54 25.74 -14.03
C2A COA D . 6.86 25.98 -14.13
N3A COA D . 7.80 25.31 -13.44
C4A COA D . 7.45 24.33 -12.58
C5A COA D . 6.03 24.00 -12.41
C6A COA D . 5.06 24.79 -13.21
N6A COA D . 3.72 24.54 -13.10
N7A COA D . 5.96 23.01 -11.50
C8A COA D . 7.24 22.71 -11.13
N9A COA D . 8.12 23.51 -11.78
C1B COA D . 9.59 23.48 -11.60
C2B COA D . 9.95 24.40 -10.46
O2B COA D . 11.26 24.92 -10.66
C3B COA D . 9.98 23.46 -9.27
O3B COA D . 10.81 23.96 -8.21
P3B COA D . 10.14 24.56 -6.87
O7A COA D . 9.15 23.56 -6.30
O8A COA D . 11.25 24.81 -5.86
O9A COA D . 9.43 25.84 -7.22
C4B COA D . 10.56 22.22 -9.91
O4B COA D . 10.01 22.17 -11.22
C5B COA D . 10.23 20.94 -9.17
O5B COA D . 11.02 19.92 -9.76
P1A COA D . 11.44 18.66 -8.87
O1A COA D . 12.27 17.70 -9.70
O2A COA D . 12.17 19.12 -7.63
O3A COA D . 10.01 18.01 -8.51
P2A COA D . 9.67 16.94 -7.36
O4A COA D . 10.89 16.25 -6.84
O5A COA D . 8.87 17.67 -6.31
O6A COA D . 8.74 15.90 -8.14
CBP COA D . 6.39 15.39 -8.28
CCP COA D . 7.50 16.33 -8.72
CDP COA D . 5.08 15.92 -8.84
CEP COA D . 6.61 13.98 -8.79
CAP COA D . 6.37 15.38 -6.75
OAP COA D . 6.22 16.72 -6.24
C9P COA D . 5.27 14.53 -6.18
O9P COA D . 5.49 13.35 -5.92
N8P COA D . 4.09 15.11 -5.94
C7P COA D . 2.99 14.43 -5.27
C6P COA D . 2.54 13.17 -5.98
C5P COA D . 2.23 13.44 -7.43
O5P COA D . 1.46 14.33 -7.74
N4P COA D . 2.82 12.64 -8.31
C3P COA D . 2.46 12.62 -9.71
C2P COA D . 1.54 11.45 -10.00
S1P COA D . 0.90 11.62 -11.68
N1A COA E . -13.91 -23.02 10.34
C2A COA E . -13.15 -23.65 11.25
N3A COA E . -11.84 -23.42 11.41
C4A COA E . -11.20 -22.50 10.64
C5A COA E . -11.96 -21.76 9.61
C6A COA E . -13.40 -22.08 9.50
N6A COA E . -14.18 -21.45 8.59
N7A COA E . -11.09 -20.94 9.01
C8A COA E . -9.87 -21.13 9.58
N9A COA E . -9.95 -22.05 10.56
C1B COA E . -8.85 -22.54 11.40
C2B COA E . -8.28 -23.78 10.74
O2B COA E . -7.79 -24.67 11.74
C3B COA E . -7.10 -23.24 9.94
O3B COA E . -6.10 -24.23 9.72
P3B COA E . -5.58 -24.53 8.23
O7A COA E . -6.73 -25.01 7.37
O8A COA E . -5.07 -23.25 7.61
O9A COA E . -4.48 -25.57 8.27
C4B COA E . -6.62 -22.15 10.88
O4B COA E . -7.80 -21.56 11.43
C5B COA E . -5.81 -21.08 10.18
O5B COA E . -5.24 -20.30 11.23
P1A COA E . -3.94 -19.44 10.90
O1A COA E . -2.83 -20.30 10.34
O2A COA E . -3.54 -18.70 12.14
O3A COA E . -4.50 -18.44 9.78
P2A COA E . -3.71 -17.47 8.79
O4A COA E . -3.81 -18.02 7.39
O5A COA E . -2.33 -17.15 9.26
O6A COA E . -4.59 -16.13 8.91
CBP COA E . -6.09 -14.80 7.63
CCP COA E . -5.95 -16.04 8.48
CDP COA E . -7.54 -14.69 7.17
CEP COA E . -5.75 -13.57 8.46
CAP COA E . -5.13 -14.93 6.45
OAP COA E . -5.41 -16.15 5.77
C9P COA E . -5.21 -13.78 5.47
O9P COA E . -4.49 -12.79 5.60
N8P COA E . -6.07 -13.91 4.46
C7P COA E . -6.21 -12.95 3.36
C6P COA E . -6.50 -11.51 3.81
C5P COA E . -7.72 -11.46 4.70
O5P COA E . -8.76 -11.98 4.36
N4P COA E . -7.58 -10.79 5.86
C3P COA E . -8.70 -10.48 6.71
C2P COA E . -9.10 -9.03 6.50
S1P COA E . -10.65 -8.71 7.38
#